data_4YD0
#
_entry.id   4YD0
#
_cell.length_a   80.789
_cell.length_b   80.789
_cell.length_c   54.256
_cell.angle_alpha   90.000
_cell.angle_beta   90.000
_cell.angle_gamma   120.000
#
_symmetry.space_group_name_H-M   'P 65'
#
loop_
_entity.id
_entity.type
_entity.pdbx_description
1 polymer 'Polymerase basic protein 2'
2 non-polymer 2-(5-chloro-1H-pyrrolo[2,3-b]pyridin-3-yl)-5-fluoro-N-[(1R,2S,3S,4R)-3-(1H-tetrazol-5-yl)bicyclo[2.2.2]oct-2-yl]pyrimidin-4-amine
3 water water
#
_entity_poly.entity_id   1
_entity_poly.type   'polypeptide(L)'
_entity_poly.pdbx_seq_one_letter_code
;GHMRISSSFSFGGFTFKRTSGSSIKREEEVLTGNLQTLKIRVHEGYEEFTMVGKRATAILRKATRRLVQLIVSGKDEQSI
AEAIIVAMVFSQEDCMIKAVRGDLNFVNRANQRLNPMHQLLRHFQKDAKVLFQNWGIEHIDNVMGMVGVLPDMTPSTEMS
MRGIRVSKM
;
_entity_poly.pdbx_strand_id   A
#
loop_
_chem_comp.id
_chem_comp.type
_chem_comp.name
_chem_comp.formula
4EW non-polymer 2-(5-chloro-1H-pyrrolo[2,3-b]pyridin-3-yl)-5-fluoro-N-[(1R,2S,3S,4R)-3-(1H-tetrazol-5-yl)bicyclo[2.2.2]oct-2-yl]pyrimidin-4-amine 'C20 H19 Cl F N9'
#
# COMPACT_ATOMS: atom_id res chain seq x y z
N SER A 7 -11.59 -9.79 -11.17
CA SER A 7 -10.84 -10.63 -10.22
C SER A 7 -11.14 -10.29 -8.75
N SER A 8 -11.47 -11.34 -7.95
CA SER A 8 -11.78 -11.28 -6.52
C SER A 8 -10.80 -12.18 -5.71
N PHE A 9 -9.67 -11.58 -5.23
CA PHE A 9 -8.58 -12.24 -4.49
C PHE A 9 -8.33 -11.72 -3.06
N SER A 10 -7.46 -12.42 -2.29
CA SER A 10 -7.10 -12.14 -0.90
C SER A 10 -5.62 -11.69 -0.77
N PHE A 11 -5.35 -10.63 0.04
CA PHE A 11 -4.01 -10.08 0.30
C PHE A 11 -4.04 -9.29 1.59
N GLY A 12 -3.11 -9.60 2.50
CA GLY A 12 -2.98 -8.97 3.82
C GLY A 12 -4.22 -8.96 4.68
N GLY A 13 -5.05 -9.99 4.54
CA GLY A 13 -6.31 -10.11 5.27
C GLY A 13 -7.47 -9.35 4.65
N PHE A 14 -7.26 -8.74 3.48
CA PHE A 14 -8.30 -8.01 2.78
C PHE A 14 -8.71 -8.74 1.52
N THR A 15 -10.00 -8.65 1.20
CA THR A 15 -10.59 -9.17 -0.03
C THR A 15 -10.58 -7.99 -1.02
N PHE A 16 -9.94 -8.21 -2.16
CA PHE A 16 -9.85 -7.22 -3.22
C PHE A 16 -10.84 -7.58 -4.33
N LYS A 17 -11.62 -6.62 -4.80
CA LYS A 17 -12.57 -6.83 -5.88
C LYS A 17 -12.42 -5.68 -6.85
N ARG A 18 -12.07 -5.99 -8.12
CA ARG A 18 -11.87 -4.97 -9.14
C ARG A 18 -13.21 -4.46 -9.66
N THR A 19 -13.37 -3.14 -9.64
CA THR A 19 -14.58 -2.44 -10.06
C THR A 19 -14.41 -1.70 -11.39
N SER A 20 -13.14 -1.41 -11.81
CA SER A 20 -12.82 -0.71 -13.06
CA SER A 20 -12.81 -0.70 -13.07
C SER A 20 -11.38 -1.01 -13.48
N GLY A 21 -11.13 -0.97 -14.78
CA GLY A 21 -9.82 -1.22 -15.35
C GLY A 21 -9.52 -2.65 -15.73
N SER A 22 -8.27 -2.85 -16.18
CA SER A 22 -7.68 -4.10 -16.66
C SER A 22 -6.19 -4.04 -16.41
N SER A 23 -5.54 -5.21 -16.39
CA SER A 23 -4.09 -5.31 -16.20
C SER A 23 -3.50 -6.55 -16.81
N ILE A 24 -2.29 -6.39 -17.36
CA ILE A 24 -1.46 -7.45 -17.88
C ILE A 24 -0.33 -7.60 -16.86
N LYS A 25 0.25 -8.79 -16.75
CA LYS A 25 1.38 -9.03 -15.83
C LYS A 25 2.73 -8.94 -16.56
N ARG A 26 3.74 -8.54 -15.82
CA ARG A 26 5.12 -8.48 -16.30
C ARG A 26 6.03 -8.74 -15.11
N GLU A 27 6.87 -9.77 -15.20
CA GLU A 27 7.88 -10.06 -14.19
C GLU A 27 8.95 -8.98 -14.35
N GLU A 28 9.26 -8.24 -13.28
CA GLU A 28 10.22 -7.13 -13.30
C GLU A 28 11.20 -7.16 -12.13
N GLU A 29 12.37 -6.52 -12.30
CA GLU A 29 13.35 -6.42 -11.23
C GLU A 29 13.31 -5.04 -10.56
N VAL A 30 13.23 -5.02 -9.24
CA VAL A 30 13.17 -3.80 -8.43
C VAL A 30 14.33 -3.72 -7.44
N LEU A 31 14.83 -2.51 -7.17
CA LEU A 31 15.91 -2.29 -6.21
C LEU A 31 15.33 -1.70 -4.94
N THR A 32 15.62 -2.28 -3.78
CA THR A 32 15.13 -1.77 -2.50
C THR A 32 16.02 -0.58 -2.07
N GLY A 33 15.71 0.03 -0.92
CA GLY A 33 16.52 1.08 -0.34
C GLY A 33 17.89 0.55 0.06
N ASN A 34 18.01 -0.79 0.25
CA ASN A 34 19.26 -1.48 0.53
C ASN A 34 19.90 -1.99 -0.76
N LEU A 35 19.41 -1.52 -1.94
CA LEU A 35 19.91 -1.91 -3.27
C LEU A 35 19.87 -3.43 -3.47
N GLN A 36 18.82 -4.06 -2.93
CA GLN A 36 18.60 -5.48 -3.08
C GLN A 36 17.67 -5.68 -4.27
N THR A 37 17.99 -6.64 -5.13
CA THR A 37 17.16 -6.95 -6.29
C THR A 37 16.01 -7.90 -5.92
N LEU A 38 14.78 -7.47 -6.21
CA LEU A 38 13.62 -8.33 -6.06
C LEU A 38 12.99 -8.50 -7.42
N LYS A 39 12.57 -9.72 -7.73
CA LYS A 39 11.84 -10.00 -8.95
C LYS A 39 10.36 -10.01 -8.52
N ILE A 40 9.57 -9.03 -8.99
CA ILE A 40 8.13 -8.94 -8.67
C ILE A 40 7.25 -9.04 -9.93
N ARG A 41 5.98 -9.48 -9.75
CA ARG A 41 4.98 -9.63 -10.82
C ARG A 41 4.16 -8.34 -10.89
N VAL A 42 4.62 -7.42 -11.73
CA VAL A 42 4.00 -6.11 -11.95
C VAL A 42 2.72 -6.21 -12.79
N HIS A 43 1.63 -5.62 -12.29
CA HIS A 43 0.36 -5.52 -13.03
C HIS A 43 0.30 -4.14 -13.68
N GLU A 44 0.08 -4.11 -14.98
CA GLU A 44 0.10 -2.87 -15.74
C GLU A 44 -1.24 -2.44 -16.21
N GLY A 45 -1.63 -1.24 -15.81
CA GLY A 45 -2.89 -0.64 -16.20
C GLY A 45 -3.62 0.02 -15.04
N TYR A 46 -4.47 0.98 -15.36
CA TYR A 46 -5.26 1.66 -14.34
C TYR A 46 -6.35 0.71 -13.88
N GLU A 47 -6.44 0.52 -12.56
CA GLU A 47 -7.40 -0.38 -11.92
C GLU A 47 -8.02 0.25 -10.69
N GLU A 48 -9.29 -0.04 -10.45
CA GLU A 48 -9.99 0.45 -9.27
C GLU A 48 -10.52 -0.74 -8.50
N PHE A 49 -10.23 -0.79 -7.21
CA PHE A 49 -10.59 -1.92 -6.34
C PHE A 49 -11.33 -1.52 -5.08
N THR A 50 -12.17 -2.46 -4.57
CA THR A 50 -12.71 -2.34 -3.22
C THR A 50 -11.80 -3.25 -2.37
N MET A 51 -11.42 -2.77 -1.18
CA MET A 51 -10.67 -3.58 -0.23
C MET A 51 -11.62 -3.78 0.92
N VAL A 52 -12.01 -5.01 1.19
CA VAL A 52 -12.89 -5.34 2.29
C VAL A 52 -12.13 -6.26 3.26
N GLY A 53 -11.96 -5.81 4.49
CA GLY A 53 -11.37 -6.58 5.59
C GLY A 53 -12.33 -6.65 6.76
N LYS A 54 -11.92 -7.27 7.87
CA LYS A 54 -12.80 -7.38 9.03
C LYS A 54 -12.94 -6.10 9.85
N ARG A 55 -11.92 -5.19 9.84
CA ARG A 55 -11.88 -3.97 10.66
C ARG A 55 -11.69 -2.70 9.84
N ALA A 56 -11.56 -2.86 8.50
CA ALA A 56 -11.41 -1.76 7.55
C ALA A 56 -11.90 -2.11 6.13
N THR A 57 -12.32 -1.06 5.39
CA THR A 57 -12.74 -1.06 3.99
C THR A 57 -12.16 0.18 3.35
N ALA A 58 -11.81 0.05 2.07
CA ALA A 58 -11.21 1.11 1.29
C ALA A 58 -11.55 0.97 -0.17
N ILE A 59 -11.45 2.09 -0.90
CA ILE A 59 -11.58 2.17 -2.35
C ILE A 59 -10.17 2.57 -2.80
N LEU A 60 -9.55 1.71 -3.62
CA LEU A 60 -8.20 1.93 -4.15
C LEU A 60 -8.18 2.20 -5.66
N ARG A 61 -7.64 3.36 -6.03
CA ARG A 61 -7.44 3.77 -7.42
C ARG A 61 -5.93 3.67 -7.67
N LYS A 62 -5.53 2.84 -8.65
CA LYS A 62 -4.10 2.70 -8.92
C LYS A 62 -3.73 2.54 -10.40
N ALA A 63 -2.58 3.12 -10.78
CA ALA A 63 -1.92 3.02 -12.09
C ALA A 63 -0.73 2.05 -11.93
N THR A 64 -0.04 1.67 -13.04
CA THR A 64 1.12 0.76 -12.93
C THR A 64 2.14 1.33 -11.95
N ARG A 65 2.35 0.60 -10.81
CA ARG A 65 3.33 0.93 -9.77
C ARG A 65 3.20 2.36 -9.24
N ARG A 66 1.96 2.79 -9.05
CA ARG A 66 1.59 4.09 -8.52
C ARG A 66 0.17 4.03 -7.93
N LEU A 67 0.02 4.55 -6.70
CA LEU A 67 -1.25 4.63 -6.01
C LEU A 67 -1.82 6.02 -6.40
N VAL A 68 -2.98 6.06 -7.04
CA VAL A 68 -3.58 7.35 -7.40
C VAL A 68 -4.31 7.91 -6.17
N GLN A 69 -5.21 7.10 -5.58
CA GLN A 69 -6.00 7.45 -4.41
C GLN A 69 -6.44 6.25 -3.59
N LEU A 70 -6.49 6.43 -2.25
CA LEU A 70 -6.98 5.44 -1.29
C LEU A 70 -7.84 6.14 -0.26
N ILE A 71 -9.14 5.85 -0.29
CA ILE A 71 -10.10 6.37 0.67
C ILE A 71 -10.39 5.22 1.65
N VAL A 72 -9.92 5.39 2.91
CA VAL A 72 -10.01 4.39 3.99
C VAL A 72 -11.06 4.71 5.05
N SER A 73 -11.77 3.66 5.47
CA SER A 73 -12.81 3.62 6.49
C SER A 73 -12.44 2.41 7.38
N GLY A 74 -12.41 2.61 8.70
CA GLY A 74 -12.09 1.53 9.61
C GLY A 74 -12.60 1.68 11.01
N LYS A 75 -12.22 0.74 11.88
CA LYS A 75 -12.61 0.66 13.30
C LYS A 75 -11.87 1.71 14.14
N ASP A 76 -10.58 1.93 13.85
CA ASP A 76 -9.70 2.84 14.59
C ASP A 76 -8.41 3.09 13.79
N GLU A 77 -7.54 3.97 14.30
CA GLU A 77 -6.26 4.36 13.69
C GLU A 77 -5.42 3.14 13.28
N GLN A 78 -5.32 2.11 14.15
CA GLN A 78 -4.53 0.91 13.88
C GLN A 78 -5.09 0.08 12.73
N SER A 79 -6.41 -0.09 12.72
CA SER A 79 -7.16 -0.80 11.68
C SER A 79 -6.95 -0.15 10.32
N ILE A 80 -7.00 1.20 10.29
CA ILE A 80 -6.87 2.02 9.09
C ILE A 80 -5.42 1.99 8.61
N ALA A 81 -4.43 2.17 9.52
CA ALA A 81 -3.00 2.08 9.22
C ALA A 81 -2.66 0.75 8.57
N GLU A 82 -3.25 -0.35 9.05
CA GLU A 82 -3.11 -1.72 8.52
C GLU A 82 -3.53 -1.72 7.03
N ALA A 83 -4.78 -1.27 6.76
CA ALA A 83 -5.34 -1.19 5.41
C ALA A 83 -4.45 -0.33 4.49
N ILE A 84 -3.91 0.78 5.03
CA ILE A 84 -3.02 1.73 4.36
C ILE A 84 -1.74 1.01 3.92
N ILE A 85 -1.11 0.27 4.84
CA ILE A 85 0.11 -0.51 4.58
C ILE A 85 -0.10 -1.53 3.43
N VAL A 86 -1.17 -2.36 3.50
CA VAL A 86 -1.54 -3.33 2.48
C VAL A 86 -1.67 -2.64 1.13
N ALA A 87 -2.38 -1.51 1.10
CA ALA A 87 -2.59 -0.75 -0.13
C ALA A 87 -1.30 -0.24 -0.76
N MET A 88 -0.39 0.27 0.08
CA MET A 88 0.90 0.82 -0.35
C MET A 88 1.80 -0.31 -0.87
N VAL A 89 1.78 -1.49 -0.23
CA VAL A 89 2.57 -2.65 -0.67
C VAL A 89 1.97 -3.16 -2.00
N PHE A 90 0.63 -3.29 -2.07
CA PHE A 90 -0.09 -3.71 -3.27
C PHE A 90 0.12 -2.78 -4.48
N SER A 91 0.29 -1.45 -4.24
CA SER A 91 0.51 -0.45 -5.28
C SER A 91 1.79 -0.70 -6.04
N GLN A 92 2.76 -1.45 -5.43
CA GLN A 92 4.06 -1.82 -5.99
C GLN A 92 4.95 -0.58 -6.27
N GLU A 93 4.57 0.58 -5.71
CA GLU A 93 5.26 1.86 -5.87
C GLU A 93 6.76 1.79 -5.56
N ASP A 94 7.56 2.55 -6.29
CA ASP A 94 8.99 2.62 -6.07
C ASP A 94 9.32 3.08 -4.64
N CYS A 95 8.65 4.14 -4.12
CA CYS A 95 8.96 4.66 -2.79
C CYS A 95 8.64 3.67 -1.69
N MET A 96 7.72 2.72 -1.96
CA MET A 96 7.40 1.66 -1.00
C MET A 96 8.61 0.71 -0.96
N ILE A 97 9.12 0.34 -2.15
CA ILE A 97 10.24 -0.56 -2.35
C ILE A 97 11.53 0.07 -1.81
N LYS A 98 11.75 1.35 -2.12
CA LYS A 98 12.90 2.12 -1.67
C LYS A 98 12.88 2.38 -0.15
N ALA A 99 11.71 2.22 0.50
CA ALA A 99 11.56 2.33 1.95
C ALA A 99 12.05 1.07 2.68
N VAL A 100 12.43 0.00 1.92
CA VAL A 100 13.01 -1.22 2.48
C VAL A 100 14.52 -0.95 2.64
N ARG A 101 14.93 -0.48 3.82
CA ARG A 101 16.35 -0.23 4.10
C ARG A 101 16.68 -0.35 5.54
N GLY A 102 17.93 -0.70 5.82
CA GLY A 102 18.47 -0.81 7.17
C GLY A 102 19.33 -2.04 7.44
N ASP A 103 19.35 -2.44 8.73
CA ASP A 103 20.06 -3.60 9.23
C ASP A 103 19.04 -4.78 9.32
N LEU A 104 19.46 -5.99 8.85
CA LEU A 104 18.66 -7.22 8.78
C LEU A 104 17.52 -7.11 7.77
N ASN A 105 17.11 -5.86 7.41
CA ASN A 105 16.02 -5.53 6.47
C ASN A 105 16.37 -5.98 5.07
N PHE A 106 16.16 -7.27 4.84
CA PHE A 106 16.43 -8.00 3.61
C PHE A 106 15.30 -8.97 3.34
N VAL A 107 15.25 -9.48 2.10
CA VAL A 107 14.22 -10.40 1.61
C VAL A 107 14.89 -11.71 1.16
N ASN A 108 14.53 -12.83 1.82
CA ASN A 108 15.05 -14.17 1.54
C ASN A 108 14.80 -14.58 0.08
N ARG A 109 15.89 -14.69 -0.72
CA ARG A 109 15.82 -15.00 -2.15
C ARG A 109 16.08 -16.50 -2.46
N ALA A 110 15.01 -17.27 -2.23
CA ALA A 110 14.81 -18.72 -2.44
C ALA A 110 13.28 -18.93 -2.33
N ASN A 111 12.54 -17.78 -2.20
CA ASN A 111 11.08 -17.61 -2.05
C ASN A 111 10.56 -18.33 -0.80
N GLN A 112 10.48 -19.69 -0.87
CA GLN A 112 10.04 -20.63 0.17
C GLN A 112 8.73 -20.22 0.90
N ARG A 113 8.83 -19.72 2.16
CA ARG A 113 7.71 -19.36 3.02
C ARG A 113 6.79 -18.29 2.47
N LEU A 114 7.34 -17.21 1.87
CA LEU A 114 6.58 -16.07 1.34
C LEU A 114 7.11 -15.55 -0.02
N ASN A 115 6.19 -14.98 -0.86
CA ASN A 115 6.53 -14.40 -2.17
C ASN A 115 7.06 -12.98 -1.94
N PRO A 116 7.73 -12.27 -2.89
CA PRO A 116 8.28 -10.94 -2.57
C PRO A 116 7.25 -9.94 -2.03
N MET A 117 6.03 -9.95 -2.60
CA MET A 117 4.90 -9.12 -2.16
C MET A 117 4.49 -9.47 -0.72
N HIS A 118 4.53 -10.75 -0.36
CA HIS A 118 4.22 -11.16 1.01
C HIS A 118 5.36 -10.83 1.99
N GLN A 119 6.62 -10.82 1.51
CA GLN A 119 7.78 -10.46 2.31
C GLN A 119 7.76 -8.94 2.58
N LEU A 120 7.44 -8.13 1.54
CA LEU A 120 7.33 -6.67 1.65
C LEU A 120 6.25 -6.32 2.66
N LEU A 121 5.12 -7.03 2.59
CA LEU A 121 4.03 -6.83 3.52
C LEU A 121 4.47 -7.14 4.95
N ARG A 122 4.97 -8.37 5.20
CA ARG A 122 5.47 -8.81 6.52
C ARG A 122 6.52 -7.83 7.08
N HIS A 123 7.31 -7.20 6.21
CA HIS A 123 8.29 -6.18 6.58
C HIS A 123 7.64 -4.88 7.09
N PHE A 124 6.72 -4.28 6.33
CA PHE A 124 6.07 -3.02 6.71
C PHE A 124 5.04 -3.17 7.85
N GLN A 125 4.45 -4.36 8.02
CA GLN A 125 3.56 -4.62 9.16
C GLN A 125 4.31 -4.48 10.49
N LYS A 126 5.59 -4.97 10.57
CA LYS A 126 6.50 -4.88 11.72
C LYS A 126 6.73 -3.43 12.18
N ASP A 127 6.96 -2.53 11.21
CA ASP A 127 7.17 -1.10 11.42
C ASP A 127 6.98 -0.34 10.10
N ALA A 128 5.92 0.50 10.06
CA ALA A 128 5.52 1.32 8.91
C ALA A 128 6.11 2.73 8.92
N LYS A 129 6.90 3.10 9.98
CA LYS A 129 7.52 4.41 10.13
C LYS A 129 8.28 4.83 8.88
N VAL A 130 9.24 4.02 8.42
CA VAL A 130 10.02 4.34 7.21
C VAL A 130 9.10 4.47 6.01
N LEU A 131 8.12 3.54 5.87
CA LEU A 131 7.18 3.55 4.75
C LEU A 131 6.37 4.84 4.68
N PHE A 132 5.63 5.14 5.75
CA PHE A 132 4.79 6.34 5.84
C PHE A 132 5.61 7.61 5.68
N GLN A 133 6.76 7.70 6.40
CA GLN A 133 7.67 8.85 6.32
C GLN A 133 8.32 9.04 4.94
N ASN A 134 8.54 7.94 4.20
CA ASN A 134 9.18 7.98 2.87
C ASN A 134 8.14 8.04 1.71
N TRP A 135 6.86 7.98 2.02
CA TRP A 135 5.77 8.01 1.03
C TRP A 135 5.54 9.40 0.46
N GLY A 136 5.69 10.42 1.29
CA GLY A 136 5.45 11.82 0.92
C GLY A 136 4.18 12.40 1.53
N ILE A 137 4.10 13.75 1.54
CA ILE A 137 2.94 14.48 2.06
C ILE A 137 2.46 15.50 1.07
N GLU A 138 1.13 15.73 1.03
CA GLU A 138 0.51 16.69 0.12
C GLU A 138 -0.59 17.52 0.77
N HIS A 139 -0.70 18.80 0.39
CA HIS A 139 -1.72 19.74 0.86
C HIS A 139 -3.09 19.23 0.46
N ILE A 140 -4.11 19.41 1.33
CA ILE A 140 -5.46 18.90 1.06
C ILE A 140 -6.51 20.00 1.14
N VAL A 143 -12.14 19.04 1.43
CA VAL A 143 -13.31 18.17 1.29
C VAL A 143 -13.83 17.76 2.66
N MET A 144 -15.10 18.09 2.97
CA MET A 144 -15.70 17.69 4.25
C MET A 144 -16.12 16.21 4.18
N GLY A 145 -16.02 15.52 5.33
CA GLY A 145 -16.34 14.09 5.45
C GLY A 145 -15.14 13.18 5.28
N MET A 146 -14.11 13.68 4.59
CA MET A 146 -12.86 12.99 4.34
C MET A 146 -11.75 13.80 4.94
N VAL A 147 -10.99 13.22 5.86
CA VAL A 147 -9.83 13.92 6.42
C VAL A 147 -8.54 13.32 5.88
N GLY A 148 -7.46 14.02 6.13
CA GLY A 148 -6.12 13.61 5.75
C GLY A 148 -5.43 12.97 6.92
N VAL A 149 -4.44 12.15 6.61
CA VAL A 149 -3.75 11.46 7.68
C VAL A 149 -2.24 11.60 7.45
N LEU A 150 -1.56 12.11 8.48
CA LEU A 150 -0.13 12.35 8.49
C LEU A 150 0.64 11.03 8.69
N PRO A 151 1.96 10.95 8.38
CA PRO A 151 2.69 9.66 8.57
C PRO A 151 2.68 9.07 9.98
N ASP A 152 2.23 9.84 11.00
CA ASP A 152 2.16 9.35 12.38
C ASP A 152 0.72 8.96 12.73
N MET A 153 -0.16 9.02 11.72
CA MET A 153 -1.58 8.63 11.74
C MET A 153 -2.50 9.69 12.42
N THR A 154 -1.98 10.91 12.60
CA THR A 154 -2.76 12.02 13.14
C THR A 154 -3.68 12.57 12.06
N PRO A 155 -4.99 12.68 12.36
CA PRO A 155 -5.90 13.27 11.35
C PRO A 155 -5.64 14.78 11.23
N SER A 156 -5.52 15.26 9.97
CA SER A 156 -5.27 16.67 9.68
C SER A 156 -6.20 17.14 8.56
N THR A 157 -6.49 18.45 8.55
CA THR A 157 -7.31 19.08 7.53
C THR A 157 -6.44 19.85 6.50
N GLU A 158 -5.13 20.04 6.79
CA GLU A 158 -4.19 20.78 5.93
C GLU A 158 -3.18 19.90 5.17
N MET A 159 -2.92 18.66 5.65
CA MET A 159 -1.96 17.77 5.00
C MET A 159 -2.23 16.28 5.19
N SER A 160 -1.94 15.50 4.14
CA SER A 160 -2.11 14.07 4.17
C SER A 160 -0.98 13.35 3.44
N MET A 161 -0.86 12.03 3.70
CA MET A 161 0.08 11.16 3.00
C MET A 161 -0.49 11.11 1.60
N ARG A 162 0.36 11.39 0.60
CA ARG A 162 0.00 11.46 -0.81
C ARG A 162 -1.01 10.37 -1.29
N GLY A 163 -2.18 10.83 -1.70
CA GLY A 163 -3.25 10.00 -2.22
C GLY A 163 -4.16 9.35 -1.20
N ILE A 164 -3.80 9.45 0.11
CA ILE A 164 -4.50 8.83 1.24
C ILE A 164 -5.54 9.77 1.89
N ARG A 165 -6.80 9.31 1.98
CA ARG A 165 -7.88 10.03 2.66
C ARG A 165 -8.62 9.08 3.63
N VAL A 166 -8.96 9.58 4.84
CA VAL A 166 -9.69 8.82 5.86
C VAL A 166 -11.15 9.29 5.95
N SER A 167 -12.08 8.42 5.54
CA SER A 167 -13.51 8.63 5.57
C SER A 167 -14.11 8.08 6.87
N LYS A 168 -15.19 8.72 7.38
CA LYS A 168 -15.93 8.26 8.57
C LYS A 168 -16.74 7.00 8.20
N MET A 169 -16.57 5.90 8.96
CA MET A 169 -17.22 4.60 8.81
C MET A 169 -18.59 4.62 8.13
C23 4EW B . 0.18 -11.08 -4.31
C24 4EW B . -0.80 -9.92 -4.66
C25 4EW B . -2.19 -10.37 -5.10
C26 4EW B . -2.69 -11.25 -3.94
C27 4EW B . -1.72 -12.38 -3.54
C28 4EW B . 0.17 -12.59 -6.80
C1 4EW B . -1.84 -7.42 -7.80
C2 4EW B . -0.96 -6.40 -7.50
C3 4EW B . -1.10 -5.17 -8.12
N4 4EW B . -2.07 -4.94 -8.99
C5 4EW B . -2.94 -5.89 -9.33
C6 4EW B . -2.85 -7.16 -8.73
C7 4EW B . -3.95 -7.96 -9.31
C8 4EW B . -4.60 -7.14 -10.17
N9 4EW B . -4.01 -5.91 -10.18
C11 4EW B . -4.27 -9.37 -9.00
N12 4EW B . -5.22 -9.98 -9.71
C13 4EW B . -5.53 -11.24 -9.46
C14 4EW B . -4.87 -11.92 -8.46
C15 4EW B . -3.88 -11.25 -7.73
N16 4EW B . -3.62 -9.99 -8.03
N17 4EW B . -3.20 -11.90 -6.71
C18 4EW B . -1.92 -11.36 -6.24
C20 4EW B . -1.00 -12.54 -5.84
C22 4EW B . -0.46 -12.47 -4.40
N29 4EW B . 0.94 -11.55 -7.18
N31 4EW B . 1.82 -12.02 -8.00
N32 4EW B . 1.63 -13.28 -8.15
N33 4EW B . 0.63 -13.65 -7.42
F34 4EW B . -5.18 -13.21 -8.19
CL3 4EW B . 0.32 -6.66 -6.35
#